data_15C8
#
_entry.id   15C8
#
_cell.length_a   201.000
_cell.length_b   80.500
_cell.length_c   39.300
_cell.angle_alpha   90.00
_cell.angle_beta   98.70
_cell.angle_gamma   90.00
#
_symmetry.space_group_name_H-M   'C 1 2 1'
#
loop_
_entity.id
_entity.type
_entity.pdbx_description
1 polymer 'IGG 5C8 FAB (LIGHT CHAIN)'
2 polymer 'IGG 5C8 FAB (HEAVY CHAIN)'
3 water water
#
loop_
_entity_poly.entity_id
_entity_poly.type
_entity_poly.pdbx_seq_one_letter_code
_entity_poly.pdbx_strand_id
1 'polypeptide(L)'
;DIVLTQSPAIMSASLGERVTMTCTASSSVSSSNLHWYQQKPGSSPKLWIYSTSNLASGVPARFSGSGSGTSYSLTISSME
AEDAATYYCHQYHRSPYTFGGGTKLEIKRADAAPTVSIFPPSSEQLTSGGASVVCFLNNFYPKDINVKWKIDGSERQNGV
LNSWTDQDSKDSTYSMSSTLTLTKDEYERHNSYTCEATHKTSTSPIVKSFNRN
;
L
2 'polypeptide(L)'
;EVQLQQSGAELVKPGASVKLSCTASGFNIKDTYMHWVKQKPEQGLEWIAQIDPANGNTKYDPKFQGKATITADTSSNTAY
LHLSSLTSEDSAVYYCAADPPYYGHGDYWGQGTTLTVSSAKTTPPSVYPLAPGSAAQTNSMVTLGCLVKGYFPEPVTVTW
NSGSLSSGVHTFPAVLQSDLYTLSSSVTVPSSTWPSETVTCNVAHPASSTKVDKKIV
;
H
#
# COMPACT_ATOMS: atom_id res chain seq x y z
N ASP A 1 -21.91 -18.74 0.06
CA ASP A 1 -20.98 -17.63 -0.30
C ASP A 1 -20.98 -17.41 -1.82
N ILE A 2 -21.52 -16.27 -2.23
CA ILE A 2 -21.53 -15.91 -3.65
C ILE A 2 -20.13 -15.36 -3.91
N VAL A 3 -19.39 -15.97 -4.82
CA VAL A 3 -18.07 -15.49 -5.14
C VAL A 3 -18.13 -14.47 -6.28
N LEU A 4 -17.47 -13.32 -6.08
CA LEU A 4 -17.40 -12.29 -7.12
C LEU A 4 -16.02 -12.33 -7.72
N THR A 5 -15.95 -12.44 -9.05
CA THR A 5 -14.66 -12.47 -9.72
C THR A 5 -14.57 -11.22 -10.59
N GLN A 6 -13.52 -10.44 -10.40
CA GLN A 6 -13.36 -9.23 -11.19
C GLN A 6 -12.25 -9.48 -12.20
N SER A 7 -12.40 -8.92 -13.39
CA SER A 7 -11.41 -9.12 -14.42
C SER A 7 -11.26 -7.90 -15.34
N PRO A 8 -10.01 -7.50 -15.61
CA PRO A 8 -8.80 -8.16 -15.10
C PRO A 8 -8.48 -7.60 -13.73
N ALA A 9 -7.41 -8.09 -13.11
CA ALA A 9 -7.02 -7.61 -11.79
C ALA A 9 -6.27 -6.31 -11.91
N ILE A 10 -5.48 -6.18 -12.96
CA ILE A 10 -4.72 -4.97 -13.17
C ILE A 10 -4.85 -4.60 -14.64
N MET A 11 -5.13 -3.34 -14.91
CA MET A 11 -5.24 -2.92 -16.28
C MET A 11 -4.72 -1.52 -16.47
N SER A 12 -4.16 -1.28 -17.65
CA SER A 12 -3.58 0.00 -18.00
C SER A 12 -4.31 0.60 -19.19
N ALA A 13 -4.41 1.91 -19.20
CA ALA A 13 -5.08 2.58 -20.29
C ALA A 13 -4.64 4.03 -20.37
N SER A 14 -4.51 4.53 -21.59
CA SER A 14 -4.09 5.92 -21.79
C SER A 14 -5.32 6.77 -21.58
N LEU A 15 -5.11 8.04 -21.27
CA LEU A 15 -6.20 8.96 -21.06
C LEU A 15 -7.03 9.13 -22.33
N GLY A 16 -8.33 9.33 -22.18
CA GLY A 16 -9.21 9.51 -23.33
C GLY A 16 -9.72 8.17 -23.84
N GLU A 17 -9.06 7.11 -23.39
CA GLU A 17 -9.42 5.77 -23.79
C GLU A 17 -10.70 5.36 -23.08
N ARG A 18 -11.45 4.47 -23.70
CA ARG A 18 -12.68 3.94 -23.12
C ARG A 18 -12.23 2.74 -22.30
N VAL A 19 -12.81 2.57 -21.12
CA VAL A 19 -12.43 1.47 -20.25
C VAL A 19 -13.62 0.66 -19.72
N THR A 20 -13.49 -0.66 -19.77
CA THR A 20 -14.53 -1.54 -19.26
C THR A 20 -13.93 -2.65 -18.40
N MET A 21 -14.48 -2.85 -17.22
CA MET A 21 -14.00 -3.93 -16.36
C MET A 21 -15.23 -4.72 -15.97
N THR A 22 -15.06 -5.99 -15.70
CA THR A 22 -16.19 -6.82 -15.36
C THR A 22 -16.17 -7.43 -13.97
N CYS A 23 -17.32 -7.94 -13.58
CA CYS A 23 -17.51 -8.55 -12.28
C CYS A 23 -18.58 -9.61 -12.48
N THR A 24 -18.21 -10.87 -12.29
CA THR A 24 -19.16 -11.97 -12.45
C THR A 24 -19.34 -12.71 -11.14
N ALA A 25 -20.59 -13.01 -10.82
CA ALA A 25 -20.96 -13.72 -9.60
C ALA A 25 -21.06 -15.21 -9.86
N SER A 26 -20.76 -16.02 -8.85
CA SER A 26 -20.84 -17.47 -9.00
C SER A 26 -22.30 -17.92 -9.08
N SER A 27 -23.21 -17.04 -8.66
CA SER A 27 -24.63 -17.33 -8.67
C SER A 27 -25.34 -15.98 -8.79
N SER A 28 -26.51 -15.97 -9.41
CA SER A 28 -27.25 -14.72 -9.64
C SER A 28 -27.63 -13.86 -8.44
N VAL A 29 -27.64 -12.55 -8.66
CA VAL A 29 -28.04 -11.58 -7.64
C VAL A 29 -28.92 -10.50 -8.23
N SER A 30 -29.63 -9.77 -7.39
CA SER A 30 -30.47 -8.70 -7.86
C SER A 30 -29.54 -7.59 -8.33
N SER A 31 -29.82 -7.03 -9.51
CA SER A 31 -29.00 -5.96 -10.05
C SER A 31 -29.02 -4.78 -9.07
N SER A 32 -30.02 -4.80 -8.19
CA SER A 32 -30.19 -3.77 -7.20
C SER A 32 -29.26 -3.93 -6.00
N ASN A 33 -28.71 -5.13 -5.83
CA ASN A 33 -27.82 -5.44 -4.72
C ASN A 33 -26.36 -5.57 -5.16
N LEU A 34 -26.05 -5.03 -6.33
CA LEU A 34 -24.67 -5.08 -6.78
C LEU A 34 -24.15 -3.65 -6.86
N HIS A 35 -23.07 -3.38 -6.14
CA HIS A 35 -22.48 -2.04 -6.09
C HIS A 35 -21.00 -2.02 -6.41
N TRP A 36 -20.52 -0.85 -6.84
CA TRP A 36 -19.10 -0.68 -7.15
C TRP A 36 -18.53 0.38 -6.23
N TYR A 37 -17.30 0.14 -5.79
CA TYR A 37 -16.62 1.07 -4.90
C TYR A 37 -15.32 1.50 -5.50
N GLN A 38 -14.95 2.75 -5.27
CA GLN A 38 -13.68 3.21 -5.78
C GLN A 38 -12.79 3.46 -4.57
N GLN A 39 -11.53 3.09 -4.70
CA GLN A 39 -10.60 3.31 -3.62
C GLN A 39 -9.26 3.79 -4.14
N LYS A 40 -8.81 4.92 -3.60
CA LYS A 40 -7.53 5.49 -3.97
C LYS A 40 -6.63 5.29 -2.74
N PRO A 41 -5.30 5.10 -2.95
CA PRO A 41 -4.36 4.89 -1.85
C PRO A 41 -4.49 5.81 -0.64
N GLY A 42 -4.51 5.19 0.54
CA GLY A 42 -4.60 5.95 1.77
C GLY A 42 -6.01 6.37 2.14
N SER A 43 -6.91 6.41 1.15
CA SER A 43 -8.29 6.81 1.40
C SER A 43 -9.21 5.61 1.61
N SER A 44 -10.40 5.86 2.13
CA SER A 44 -11.34 4.80 2.37
C SER A 44 -12.18 4.52 1.11
N PRO A 45 -12.66 3.29 0.96
CA PRO A 45 -13.48 2.92 -0.20
C PRO A 45 -14.68 3.86 -0.35
N LYS A 46 -14.99 4.23 -1.58
CA LYS A 46 -16.10 5.14 -1.84
C LYS A 46 -17.14 4.51 -2.76
N LEU A 47 -18.41 4.72 -2.44
CA LEU A 47 -19.49 4.19 -3.25
C LEU A 47 -19.48 4.94 -4.58
N TRP A 48 -19.26 4.21 -5.67
CA TRP A 48 -19.18 4.81 -6.99
C TRP A 48 -20.49 4.61 -7.77
N ILE A 49 -20.84 3.35 -8.00
CA ILE A 49 -22.06 3.01 -8.71
C ILE A 49 -22.88 2.10 -7.81
N TYR A 50 -24.15 2.45 -7.60
CA TYR A 50 -25.02 1.62 -6.77
C TYR A 50 -26.16 1.00 -7.58
N SER A 51 -26.56 -0.20 -7.19
CA SER A 51 -27.62 -0.92 -7.87
C SER A 51 -27.30 -1.14 -9.33
N THR A 52 -26.09 -1.58 -9.59
CA THR A 52 -25.62 -1.89 -10.94
C THR A 52 -25.37 -0.73 -11.91
N SER A 53 -26.27 0.24 -11.96
CA SER A 53 -26.12 1.32 -12.94
C SER A 53 -26.37 2.75 -12.51
N ASN A 54 -26.62 2.98 -11.21
CA ASN A 54 -26.84 4.34 -10.74
C ASN A 54 -25.56 4.97 -10.17
N LEU A 55 -25.20 6.15 -10.68
CA LEU A 55 -24.02 6.84 -10.22
C LEU A 55 -24.29 7.45 -8.85
N ALA A 56 -23.31 7.37 -7.94
CA ALA A 56 -23.49 7.93 -6.61
C ALA A 56 -23.25 9.43 -6.67
N SER A 57 -23.58 10.13 -5.60
CA SER A 57 -23.42 11.57 -5.53
C SER A 57 -21.96 11.93 -5.76
N GLY A 58 -21.73 12.88 -6.68
CA GLY A 58 -20.38 13.32 -6.97
C GLY A 58 -19.54 12.49 -7.94
N VAL A 59 -20.17 11.55 -8.63
CA VAL A 59 -19.47 10.70 -9.58
C VAL A 59 -19.61 11.27 -11.00
N PRO A 60 -18.48 11.40 -11.74
CA PRO A 60 -18.46 11.95 -13.11
C PRO A 60 -19.35 11.19 -14.11
N ALA A 61 -19.87 11.91 -15.10
CA ALA A 61 -20.75 11.34 -16.11
C ALA A 61 -20.08 10.34 -17.06
N ARG A 62 -18.76 10.37 -17.14
CA ARG A 62 -18.05 9.45 -18.01
C ARG A 62 -18.05 8.01 -17.47
N PHE A 63 -18.73 7.82 -16.35
CA PHE A 63 -18.82 6.51 -15.70
C PHE A 63 -20.20 5.92 -15.92
N SER A 64 -20.26 4.62 -16.17
CA SER A 64 -21.54 3.95 -16.33
C SER A 64 -21.37 2.48 -15.95
N GLY A 65 -22.47 1.85 -15.53
CA GLY A 65 -22.42 0.46 -15.16
C GLY A 65 -23.55 -0.30 -15.82
N SER A 66 -23.33 -1.58 -16.08
CA SER A 66 -24.32 -2.42 -16.75
C SER A 66 -24.38 -3.83 -16.19
N GLY A 67 -25.48 -4.51 -16.46
CA GLY A 67 -25.60 -5.90 -16.02
C GLY A 67 -26.88 -6.29 -15.31
N SER A 68 -26.92 -7.58 -14.98
CA SER A 68 -28.04 -8.22 -14.29
C SER A 68 -27.64 -9.69 -14.22
N GLY A 69 -28.30 -10.44 -13.35
CA GLY A 69 -27.99 -11.85 -13.24
C GLY A 69 -26.66 -12.11 -12.56
N THR A 70 -25.70 -12.63 -13.33
CA THR A 70 -24.38 -12.94 -12.80
C THR A 70 -23.26 -12.16 -13.49
N SER A 71 -23.61 -11.28 -14.43
CA SER A 71 -22.60 -10.52 -15.13
C SER A 71 -22.83 -9.00 -15.07
N TYR A 72 -21.81 -8.30 -14.58
CA TYR A 72 -21.87 -6.85 -14.44
C TYR A 72 -20.60 -6.24 -14.99
N SER A 73 -20.65 -4.95 -15.27
CA SER A 73 -19.48 -4.28 -15.80
C SER A 73 -19.55 -2.80 -15.49
N LEU A 74 -18.38 -2.19 -15.40
CA LEU A 74 -18.28 -0.77 -15.12
C LEU A 74 -17.50 -0.22 -16.30
N THR A 75 -17.99 0.88 -16.85
CA THR A 75 -17.32 1.48 -18.00
C THR A 75 -16.98 2.94 -17.83
N ILE A 76 -15.85 3.34 -18.40
CA ILE A 76 -15.42 4.73 -18.37
C ILE A 76 -15.27 5.10 -19.83
N SER A 77 -16.11 6.03 -20.30
CA SER A 77 -16.08 6.46 -21.70
C SER A 77 -14.73 7.06 -22.07
N SER A 78 -14.30 8.06 -21.30
CA SER A 78 -13.01 8.71 -21.55
C SER A 78 -12.21 8.76 -20.26
N MET A 79 -11.13 7.99 -20.20
CA MET A 79 -10.31 7.93 -19.00
C MET A 79 -9.49 9.18 -18.70
N GLU A 80 -9.53 9.62 -17.45
CA GLU A 80 -8.76 10.79 -17.02
C GLU A 80 -7.82 10.34 -15.91
N ALA A 81 -6.82 11.16 -15.60
CA ALA A 81 -5.84 10.81 -14.57
C ALA A 81 -6.47 10.46 -13.22
N GLU A 82 -7.43 11.28 -12.79
CA GLU A 82 -8.10 11.06 -11.52
C GLU A 82 -8.90 9.78 -11.49
N ASP A 83 -8.96 9.06 -12.60
CA ASP A 83 -9.72 7.82 -12.65
C ASP A 83 -8.89 6.64 -12.18
N ALA A 84 -7.56 6.78 -12.23
CA ALA A 84 -6.65 5.72 -11.80
C ALA A 84 -6.93 5.43 -10.33
N ALA A 85 -7.32 4.19 -10.05
CA ALA A 85 -7.66 3.77 -8.71
C ALA A 85 -7.92 2.28 -8.75
N THR A 86 -8.53 1.75 -7.70
CA THR A 86 -8.87 0.33 -7.65
C THR A 86 -10.39 0.31 -7.54
N TYR A 87 -11.03 -0.56 -8.30
CA TYR A 87 -12.50 -0.64 -8.28
C TYR A 87 -12.96 -1.99 -7.75
N TYR A 88 -13.87 -1.95 -6.76
CA TYR A 88 -14.39 -3.16 -6.15
C TYR A 88 -15.87 -3.32 -6.40
N CYS A 89 -16.30 -4.52 -6.81
CA CYS A 89 -17.73 -4.73 -6.95
C CYS A 89 -18.10 -5.43 -5.65
N HIS A 90 -19.34 -5.27 -5.23
CA HIS A 90 -19.78 -5.83 -3.98
C HIS A 90 -21.21 -6.28 -4.14
N GLN A 91 -21.55 -7.42 -3.53
CA GLN A 91 -22.92 -7.93 -3.56
C GLN A 91 -23.45 -7.90 -2.14
N TYR A 92 -24.58 -7.21 -1.96
CA TYR A 92 -25.22 -7.11 -0.67
C TYR A 92 -26.53 -7.88 -0.84
N HIS A 93 -26.43 -9.01 -1.54
CA HIS A 93 -27.57 -9.83 -1.83
C HIS A 93 -27.80 -10.96 -0.83
N ARG A 94 -26.77 -11.76 -0.59
CA ARG A 94 -26.88 -12.88 0.32
C ARG A 94 -25.61 -12.99 1.16
N SER A 95 -25.77 -12.89 2.48
CA SER A 95 -24.63 -12.98 3.39
C SER A 95 -24.02 -14.37 3.38
N PRO A 96 -22.71 -14.47 3.63
CA PRO A 96 -21.85 -13.31 3.92
C PRO A 96 -21.66 -12.44 2.68
N TYR A 97 -21.80 -11.14 2.87
CA TYR A 97 -21.65 -10.19 1.79
C TYR A 97 -20.21 -10.25 1.29
N THR A 98 -20.05 -10.38 -0.02
CA THR A 98 -18.72 -10.51 -0.60
C THR A 98 -18.26 -9.31 -1.41
N PHE A 99 -16.98 -9.32 -1.74
CA PHE A 99 -16.33 -8.26 -2.52
C PHE A 99 -15.50 -8.96 -3.57
N GLY A 100 -15.34 -8.32 -4.72
CA GLY A 100 -14.51 -8.93 -5.75
C GLY A 100 -13.08 -8.59 -5.39
N GLY A 101 -12.12 -9.19 -6.07
CA GLY A 101 -10.73 -8.92 -5.79
C GLY A 101 -10.33 -7.54 -6.26
N GLY A 102 -11.26 -6.85 -6.90
CA GLY A 102 -10.98 -5.51 -7.39
C GLY A 102 -10.13 -5.48 -8.63
N THR A 103 -10.23 -4.39 -9.38
CA THR A 103 -9.44 -4.19 -10.61
C THR A 103 -8.66 -2.90 -10.43
N LYS A 104 -7.35 -3.00 -10.47
CA LYS A 104 -6.51 -1.81 -10.32
C LYS A 104 -6.32 -1.20 -11.69
N LEU A 105 -6.78 0.03 -11.83
CA LEU A 105 -6.67 0.77 -13.09
C LEU A 105 -5.49 1.73 -13.01
N GLU A 106 -4.49 1.50 -13.86
CA GLU A 106 -3.32 2.35 -13.90
C GLU A 106 -3.21 3.11 -15.21
N ILE A 107 -2.40 4.17 -15.21
CA ILE A 107 -2.19 4.99 -16.39
C ILE A 107 -1.12 4.37 -17.27
N LYS A 108 -1.46 4.09 -18.53
CA LYS A 108 -0.49 3.52 -19.45
C LYS A 108 0.37 4.62 -20.03
N ARG A 109 1.62 4.28 -20.35
CA ARG A 109 2.56 5.22 -20.92
C ARG A 109 3.61 4.45 -21.71
N ALA A 110 4.46 5.19 -22.42
CA ALA A 110 5.51 4.56 -23.21
C ALA A 110 6.45 3.75 -22.33
N ASP A 111 6.87 2.60 -22.83
CA ASP A 111 7.78 1.74 -22.08
C ASP A 111 8.99 2.58 -21.68
N ALA A 112 9.65 2.18 -20.59
CA ALA A 112 10.82 2.91 -20.10
C ALA A 112 11.70 1.98 -19.29
N ALA A 113 12.97 1.91 -19.65
CA ALA A 113 13.92 1.05 -18.95
C ALA A 113 14.23 1.64 -17.58
N PRO A 114 14.61 0.77 -16.62
CA PRO A 114 14.94 1.24 -15.28
C PRO A 114 16.39 1.69 -15.19
N THR A 115 16.64 2.73 -14.42
CA THR A 115 18.01 3.20 -14.24
C THR A 115 18.48 2.61 -12.92
N VAL A 116 19.33 1.59 -13.02
CA VAL A 116 19.86 0.88 -11.86
C VAL A 116 21.03 1.57 -11.14
N SER A 117 21.16 1.26 -9.86
CA SER A 117 22.22 1.80 -9.00
C SER A 117 22.48 0.83 -7.86
N ILE A 118 23.70 0.35 -7.75
CA ILE A 118 24.05 -0.57 -6.68
C ILE A 118 24.80 0.24 -5.62
N PHE A 119 24.56 -0.09 -4.36
CA PHE A 119 25.20 0.61 -3.26
C PHE A 119 25.81 -0.36 -2.27
N PRO A 120 27.13 -0.22 -2.04
CA PRO A 120 27.85 -1.07 -1.09
C PRO A 120 27.45 -0.70 0.33
N PRO A 121 27.77 -1.55 1.31
CA PRO A 121 27.40 -1.23 2.70
C PRO A 121 28.00 0.08 3.19
N SER A 122 27.63 0.47 4.40
CA SER A 122 28.14 1.71 4.98
C SER A 122 29.20 1.40 6.02
N SER A 123 30.20 2.28 6.10
CA SER A 123 31.26 2.11 7.07
C SER A 123 30.55 2.00 8.40
N GLU A 124 29.77 3.03 8.69
CA GLU A 124 29.00 3.08 9.91
C GLU A 124 28.24 1.78 10.14
N GLN A 125 27.57 1.27 9.10
CA GLN A 125 26.83 0.03 9.24
C GLN A 125 27.76 -1.16 9.47
N LEU A 126 28.90 -1.14 8.81
CA LEU A 126 29.84 -2.23 8.96
C LEU A 126 30.34 -2.29 10.39
N THR A 127 30.52 -1.13 11.00
CA THR A 127 30.99 -1.03 12.38
C THR A 127 30.09 -1.80 13.36
N SER A 128 28.81 -1.90 13.04
CA SER A 128 27.86 -2.61 13.89
C SER A 128 27.83 -4.11 13.61
N GLY A 129 28.63 -4.55 12.64
CA GLY A 129 28.67 -5.97 12.30
C GLY A 129 27.63 -6.43 11.29
N GLY A 130 26.96 -5.47 10.65
CA GLY A 130 25.95 -5.81 9.67
C GLY A 130 26.31 -5.17 8.34
N ALA A 131 25.82 -5.73 7.25
CA ALA A 131 26.12 -5.19 5.93
C ALA A 131 24.95 -5.35 4.97
N SER A 132 24.49 -4.24 4.43
CA SER A 132 23.36 -4.27 3.51
C SER A 132 23.72 -3.63 2.18
N VAL A 133 23.54 -4.39 1.11
CA VAL A 133 23.82 -3.89 -0.23
C VAL A 133 22.46 -3.52 -0.81
N VAL A 134 22.35 -2.28 -1.27
CA VAL A 134 21.10 -1.79 -1.80
C VAL A 134 21.17 -1.52 -3.29
N CYS A 135 20.09 -1.86 -3.98
CA CYS A 135 20.02 -1.66 -5.40
C CYS A 135 18.73 -0.93 -5.72
N PHE A 136 18.85 0.17 -6.44
CA PHE A 136 17.69 0.97 -6.83
C PHE A 136 17.41 0.82 -8.32
N LEU A 137 16.15 0.53 -8.65
CA LEU A 137 15.74 0.41 -10.04
C LEU A 137 14.65 1.46 -10.15
N ASN A 138 15.03 2.64 -10.63
CA ASN A 138 14.08 3.74 -10.73
C ASN A 138 13.47 4.05 -12.08
N ASN A 139 12.33 4.73 -12.03
CA ASN A 139 11.56 5.19 -13.17
C ASN A 139 11.51 4.30 -14.41
N PHE A 140 10.72 3.25 -14.35
CA PHE A 140 10.57 2.34 -15.48
C PHE A 140 9.11 1.97 -15.71
N TYR A 141 8.85 1.32 -16.84
CA TYR A 141 7.51 0.90 -17.19
C TYR A 141 7.63 -0.16 -18.26
N PRO A 142 6.82 -1.23 -18.19
CA PRO A 142 5.80 -1.50 -17.18
C PRO A 142 6.40 -1.82 -15.81
N LYS A 143 5.54 -2.14 -14.86
CA LYS A 143 5.96 -2.47 -13.51
C LYS A 143 6.68 -3.81 -13.49
N ASP A 144 6.33 -4.68 -14.43
CA ASP A 144 6.97 -5.98 -14.48
C ASP A 144 8.48 -5.83 -14.57
N ILE A 145 9.17 -6.50 -13.66
CA ILE A 145 10.62 -6.49 -13.60
C ILE A 145 11.06 -7.64 -12.72
N ASN A 146 12.23 -8.18 -13.00
CA ASN A 146 12.75 -9.30 -12.22
C ASN A 146 14.18 -9.03 -11.81
N VAL A 147 14.39 -8.86 -10.52
CA VAL A 147 15.71 -8.60 -9.98
C VAL A 147 16.33 -9.86 -9.41
N LYS A 148 17.64 -9.99 -9.58
CA LYS A 148 18.37 -11.15 -9.08
C LYS A 148 19.69 -10.65 -8.49
N TRP A 149 20.11 -11.29 -7.40
CA TRP A 149 21.36 -10.91 -6.76
C TRP A 149 22.42 -11.96 -7.03
N LYS A 150 23.61 -11.51 -7.42
CA LYS A 150 24.67 -12.45 -7.70
C LYS A 150 25.91 -12.12 -6.89
N ILE A 151 26.27 -13.03 -5.99
CA ILE A 151 27.45 -12.85 -5.16
C ILE A 151 28.54 -13.77 -5.69
N ASP A 152 29.46 -13.20 -6.45
CA ASP A 152 30.54 -13.98 -7.04
C ASP A 152 29.91 -14.94 -8.06
N GLY A 153 29.12 -14.37 -8.98
CA GLY A 153 28.47 -15.17 -10.02
C GLY A 153 27.41 -16.12 -9.50
N SER A 154 27.35 -16.28 -8.19
CA SER A 154 26.38 -17.17 -7.57
C SER A 154 25.11 -16.42 -7.25
N GLU A 155 23.97 -17.06 -7.48
CA GLU A 155 22.67 -16.46 -7.21
C GLU A 155 22.36 -16.55 -5.71
N ARG A 156 21.98 -15.42 -5.12
CA ARG A 156 21.65 -15.38 -3.71
C ARG A 156 20.24 -14.86 -3.53
N GLN A 157 19.44 -15.61 -2.78
CA GLN A 157 18.05 -15.26 -2.53
C GLN A 157 17.75 -15.15 -1.05
N ASN A 158 18.75 -15.43 -0.23
CA ASN A 158 18.58 -15.37 1.21
C ASN A 158 18.96 -13.98 1.74
N GLY A 159 17.98 -13.26 2.29
CA GLY A 159 18.25 -11.96 2.83
C GLY A 159 17.85 -10.80 1.93
N VAL A 160 17.09 -11.10 0.89
CA VAL A 160 16.65 -10.07 -0.04
C VAL A 160 15.27 -9.53 0.30
N LEU A 161 15.14 -8.20 0.31
CA LEU A 161 13.88 -7.53 0.60
C LEU A 161 13.58 -6.46 -0.44
N ASN A 162 12.54 -6.68 -1.22
CA ASN A 162 12.15 -5.74 -2.26
C ASN A 162 10.99 -4.86 -1.85
N SER A 163 10.88 -3.70 -2.49
CA SER A 163 9.83 -2.74 -2.21
C SER A 163 9.58 -1.92 -3.46
N TRP A 164 8.31 -1.71 -3.80
CA TRP A 164 7.92 -0.94 -4.98
C TRP A 164 7.11 0.28 -4.58
N THR A 165 7.21 1.34 -5.36
CA THR A 165 6.42 2.54 -5.10
C THR A 165 5.21 2.42 -6.00
N ASP A 166 4.27 3.35 -5.87
CA ASP A 166 3.08 3.33 -6.71
C ASP A 166 3.43 4.10 -7.97
N GLN A 167 2.58 4.00 -8.99
CA GLN A 167 2.80 4.71 -10.24
C GLN A 167 3.07 6.17 -9.89
N ASP A 168 4.16 6.72 -10.41
CA ASP A 168 4.49 8.10 -10.12
C ASP A 168 3.31 9.00 -10.46
N SER A 169 3.07 9.98 -9.60
CA SER A 169 1.98 10.91 -9.79
C SER A 169 2.22 11.88 -10.93
N LYS A 170 3.48 12.07 -11.29
CA LYS A 170 3.81 13.00 -12.37
C LYS A 170 4.18 12.32 -13.69
N ASP A 171 5.19 11.47 -13.66
CA ASP A 171 5.63 10.80 -14.88
C ASP A 171 5.10 9.38 -15.05
N SER A 172 4.17 8.98 -14.21
CA SER A 172 3.55 7.67 -14.29
C SER A 172 4.51 6.49 -14.40
N THR A 173 5.67 6.57 -13.74
CA THR A 173 6.62 5.46 -13.77
C THR A 173 6.60 4.69 -12.46
N TYR A 174 7.38 3.62 -12.42
CA TYR A 174 7.47 2.79 -11.22
C TYR A 174 8.91 2.76 -10.74
N SER A 175 9.08 2.45 -9.47
CA SER A 175 10.40 2.38 -8.90
C SER A 175 10.43 1.22 -7.93
N MET A 176 11.61 0.65 -7.74
CA MET A 176 11.75 -0.46 -6.83
C MET A 176 13.13 -0.41 -6.21
N SER A 177 13.21 -0.91 -4.98
CA SER A 177 14.47 -0.97 -4.26
C SER A 177 14.62 -2.40 -3.74
N SER A 178 15.81 -2.95 -3.86
CA SER A 178 16.06 -4.31 -3.38
C SER A 178 17.26 -4.29 -2.46
N THR A 179 17.10 -4.84 -1.27
CA THR A 179 18.18 -4.85 -0.31
C THR A 179 18.60 -6.26 0.12
N LEU A 180 19.91 -6.50 0.01
CA LEU A 180 20.51 -7.77 0.39
C LEU A 180 21.25 -7.51 1.69
N THR A 181 20.85 -8.20 2.75
CA THR A 181 21.45 -8.00 4.06
C THR A 181 22.26 -9.20 4.55
N LEU A 182 23.54 -8.96 4.83
CA LEU A 182 24.44 -9.99 5.33
C LEU A 182 25.20 -9.47 6.54
N THR A 183 26.10 -10.30 7.05
CA THR A 183 26.91 -9.94 8.21
C THR A 183 28.25 -9.38 7.74
N LYS A 184 28.93 -8.68 8.65
CA LYS A 184 30.23 -8.11 8.34
C LYS A 184 31.09 -9.25 7.84
N ASP A 185 30.91 -10.40 8.45
CA ASP A 185 31.67 -11.59 8.10
C ASP A 185 31.38 -12.12 6.72
N GLU A 186 30.29 -12.86 6.59
CA GLU A 186 29.93 -13.46 5.31
C GLU A 186 29.86 -12.49 4.14
N TYR A 187 30.02 -11.19 4.40
CA TYR A 187 30.02 -10.21 3.33
C TYR A 187 31.46 -9.92 2.96
N GLU A 188 32.32 -9.94 3.96
CA GLU A 188 33.74 -9.68 3.75
C GLU A 188 34.44 -10.90 3.19
N ARG A 189 33.70 -12.00 3.03
CA ARG A 189 34.28 -13.21 2.49
C ARG A 189 33.83 -13.46 1.05
N HIS A 190 33.48 -12.38 0.35
CA HIS A 190 33.03 -12.45 -1.04
C HIS A 190 33.56 -11.20 -1.71
N ASN A 191 33.82 -11.26 -3.01
CA ASN A 191 34.36 -10.11 -3.71
C ASN A 191 33.38 -9.32 -4.56
N SER A 192 32.71 -10.01 -5.48
CA SER A 192 31.77 -9.32 -6.36
C SER A 192 30.31 -9.45 -5.94
N TYR A 193 29.63 -8.32 -5.97
CA TYR A 193 28.21 -8.25 -5.63
C TYR A 193 27.49 -7.71 -6.86
N THR A 194 26.49 -8.45 -7.32
CA THR A 194 25.77 -8.07 -8.52
C THR A 194 24.26 -7.93 -8.40
N CYS A 195 23.76 -6.84 -8.98
CA CYS A 195 22.34 -6.56 -9.01
C CYS A 195 21.90 -6.70 -10.46
N GLU A 196 21.16 -7.78 -10.74
CA GLU A 196 20.70 -8.06 -12.10
C GLU A 196 19.20 -7.86 -12.26
N ALA A 197 18.80 -7.25 -13.37
CA ALA A 197 17.38 -6.99 -13.61
C ALA A 197 16.96 -7.10 -15.08
N THR A 198 15.97 -7.96 -15.34
CA THR A 198 15.44 -8.13 -16.69
C THR A 198 14.10 -7.39 -16.78
N HIS A 199 13.97 -6.56 -17.80
CA HIS A 199 12.75 -5.78 -17.99
C HIS A 199 12.32 -5.94 -19.45
N LYS A 200 11.01 -5.94 -19.69
CA LYS A 200 10.47 -6.06 -21.06
C LYS A 200 11.35 -5.22 -21.96
N THR A 201 11.67 -4.04 -21.45
CA THR A 201 12.49 -3.06 -22.14
C THR A 201 13.82 -3.62 -22.63
N SER A 202 14.13 -4.86 -22.28
CA SER A 202 15.39 -5.46 -22.71
C SER A 202 15.47 -6.98 -22.53
N THR A 203 16.09 -7.61 -23.52
CA THR A 203 16.27 -9.06 -23.50
C THR A 203 17.64 -9.33 -22.87
N SER A 204 18.43 -8.27 -22.74
CA SER A 204 19.76 -8.33 -22.15
C SER A 204 19.67 -7.81 -20.72
N PRO A 205 19.61 -8.74 -19.74
CA PRO A 205 19.52 -8.35 -18.32
C PRO A 205 20.47 -7.21 -17.96
N ILE A 206 19.92 -6.14 -17.40
CA ILE A 206 20.73 -4.99 -17.00
C ILE A 206 21.52 -5.40 -15.75
N VAL A 207 22.79 -5.04 -15.73
CA VAL A 207 23.64 -5.40 -14.60
C VAL A 207 24.41 -4.23 -14.00
N LYS A 208 24.49 -4.23 -12.67
CA LYS A 208 25.22 -3.21 -11.94
C LYS A 208 25.93 -3.96 -10.83
N SER A 209 27.26 -3.90 -10.83
CA SER A 209 28.04 -4.60 -9.82
C SER A 209 29.14 -3.75 -9.22
N PHE A 210 29.86 -4.38 -8.29
CA PHE A 210 30.98 -3.73 -7.63
C PHE A 210 31.82 -4.75 -6.89
N ASN A 211 33.09 -4.44 -6.71
CA ASN A 211 34.02 -5.30 -6.01
C ASN A 211 34.36 -4.61 -4.70
N ARG A 212 34.74 -5.36 -3.67
CA ARG A 212 35.08 -4.74 -2.41
C ARG A 212 36.29 -3.80 -2.55
N ASN A 213 36.00 -2.50 -2.35
CA ASN A 213 36.98 -1.40 -2.43
C ASN A 213 37.06 -0.73 -3.80
N GLU B 1 -24.15 16.26 5.96
CA GLU B 1 -24.52 16.20 7.40
C GLU B 1 -24.30 14.79 7.96
N VAL B 2 -24.40 13.80 7.09
CA VAL B 2 -24.21 12.40 7.46
C VAL B 2 -22.71 12.09 7.58
N GLN B 3 -22.31 11.46 8.69
CA GLN B 3 -20.91 11.13 8.90
C GLN B 3 -20.64 10.10 10.02
N LEU B 4 -19.69 9.21 9.76
CA LEU B 4 -19.29 8.16 10.69
C LEU B 4 -17.87 8.40 11.17
N GLN B 5 -17.70 8.65 12.46
CA GLN B 5 -16.39 8.89 13.03
C GLN B 5 -15.92 7.66 13.78
N GLN B 6 -14.71 7.19 13.45
CA GLN B 6 -14.15 6.01 14.10
C GLN B 6 -13.07 6.38 15.11
N SER B 7 -12.86 5.49 16.07
CA SER B 7 -11.86 5.67 17.12
C SER B 7 -10.46 5.71 16.50
N GLY B 8 -9.48 6.19 17.26
CA GLY B 8 -8.13 6.33 16.75
C GLY B 8 -7.31 5.07 16.51
N ALA B 9 -6.20 5.25 15.80
CA ALA B 9 -5.28 4.17 15.45
C ALA B 9 -4.93 3.40 16.70
N GLU B 10 -4.71 2.10 16.54
CA GLU B 10 -4.38 1.27 17.69
C GLU B 10 -3.14 0.42 17.51
N LEU B 11 -2.36 0.34 18.58
CA LEU B 11 -1.14 -0.45 18.64
C LEU B 11 -1.39 -1.37 19.82
N VAL B 12 -1.34 -2.67 19.59
CA VAL B 12 -1.64 -3.63 20.64
C VAL B 12 -0.67 -4.79 20.61
N LYS B 13 -0.52 -5.47 21.74
CA LYS B 13 0.37 -6.61 21.82
C LYS B 13 -0.36 -7.91 21.49
N PRO B 14 0.35 -8.86 20.88
CA PRO B 14 -0.33 -10.13 20.56
C PRO B 14 -0.90 -10.74 21.84
N GLY B 15 -2.05 -11.40 21.72
CA GLY B 15 -2.67 -12.02 22.87
C GLY B 15 -3.73 -11.17 23.50
N ALA B 16 -3.59 -9.85 23.35
CA ALA B 16 -4.54 -8.93 23.93
C ALA B 16 -5.83 -8.83 23.10
N SER B 17 -6.69 -7.91 23.49
CA SER B 17 -7.94 -7.70 22.80
C SER B 17 -8.14 -6.19 22.71
N VAL B 18 -9.03 -5.76 21.82
CA VAL B 18 -9.30 -4.34 21.65
C VAL B 18 -10.75 -4.13 21.21
N LYS B 19 -11.28 -2.95 21.48
CA LYS B 19 -12.65 -2.64 21.12
C LYS B 19 -12.71 -1.34 20.34
N LEU B 20 -12.99 -1.45 19.04
CA LEU B 20 -13.09 -0.29 18.15
C LEU B 20 -14.48 0.31 18.19
N SER B 21 -14.58 1.62 17.92
CA SER B 21 -15.87 2.27 17.94
C SER B 21 -16.13 3.08 16.66
N CYS B 22 -17.41 3.24 16.33
CA CYS B 22 -17.84 3.94 15.13
C CYS B 22 -19.06 4.77 15.51
N THR B 23 -18.88 6.08 15.71
CA THR B 23 -20.00 6.94 16.08
C THR B 23 -20.61 7.64 14.88
N ALA B 24 -21.92 7.43 14.72
CA ALA B 24 -22.66 8.01 13.61
C ALA B 24 -23.23 9.39 13.89
N SER B 25 -23.11 10.27 12.91
CA SER B 25 -23.61 11.63 13.04
C SER B 25 -24.55 11.98 11.88
N GLY B 26 -25.52 12.84 12.15
CA GLY B 26 -26.44 13.26 11.11
C GLY B 26 -27.52 12.25 10.79
N PHE B 27 -27.56 11.15 11.54
CA PHE B 27 -28.58 10.12 11.32
C PHE B 27 -28.57 9.09 12.44
N ASN B 28 -29.74 8.50 12.69
CA ASN B 28 -29.92 7.48 13.72
C ASN B 28 -29.58 6.07 13.21
N ILE B 29 -28.66 5.39 13.89
CA ILE B 29 -28.27 4.04 13.49
C ILE B 29 -29.35 2.99 13.73
N LYS B 30 -30.39 3.38 14.46
CA LYS B 30 -31.47 2.46 14.76
C LYS B 30 -32.24 2.12 13.46
N ASP B 31 -32.28 3.10 12.56
CA ASP B 31 -32.97 2.97 11.27
C ASP B 31 -32.14 2.34 10.17
N THR B 32 -31.06 1.65 10.51
CA THR B 32 -30.22 1.07 9.48
C THR B 32 -29.48 -0.19 9.92
N TYR B 33 -28.50 -0.58 9.11
CA TYR B 33 -27.68 -1.75 9.39
C TYR B 33 -26.23 -1.27 9.47
N MET B 34 -25.53 -1.67 10.52
CA MET B 34 -24.15 -1.30 10.70
C MET B 34 -23.27 -2.46 10.29
N HIS B 35 -22.16 -2.14 9.65
CA HIS B 35 -21.23 -3.15 9.17
C HIS B 35 -19.80 -2.79 9.53
N TRP B 36 -18.96 -3.82 9.63
CA TRP B 36 -17.55 -3.61 9.90
C TRP B 36 -16.87 -4.38 8.79
N VAL B 37 -15.91 -3.73 8.14
CA VAL B 37 -15.18 -4.34 7.06
C VAL B 37 -13.71 -4.23 7.40
N LYS B 38 -12.96 -5.27 7.06
CA LYS B 38 -11.54 -5.29 7.33
C LYS B 38 -10.80 -5.33 6.00
N GLN B 39 -9.66 -4.66 5.94
CA GLN B 39 -8.87 -4.65 4.73
C GLN B 39 -7.41 -4.85 5.12
N LYS B 40 -6.83 -5.97 4.74
CA LYS B 40 -5.43 -6.25 5.06
C LYS B 40 -4.56 -5.37 4.16
N PRO B 41 -3.30 -5.15 4.55
CA PRO B 41 -2.41 -4.32 3.73
C PRO B 41 -2.19 -4.90 2.34
N GLU B 42 -2.56 -4.13 1.33
CA GLU B 42 -2.43 -4.55 -0.06
C GLU B 42 -3.39 -5.67 -0.42
N GLN B 43 -4.21 -6.10 0.53
CA GLN B 43 -5.18 -7.15 0.28
C GLN B 43 -6.51 -6.53 -0.12
N GLY B 44 -7.56 -7.36 -0.19
CA GLY B 44 -8.86 -6.84 -0.56
C GLY B 44 -9.73 -6.59 0.64
N LEU B 45 -10.95 -6.14 0.39
CA LEU B 45 -11.90 -5.86 1.44
C LEU B 45 -12.59 -7.15 1.87
N GLU B 46 -12.81 -7.29 3.17
CA GLU B 46 -13.44 -8.46 3.75
C GLU B 46 -14.55 -8.03 4.70
N TRP B 47 -15.78 -8.40 4.40
CA TRP B 47 -16.90 -8.06 5.27
C TRP B 47 -16.77 -8.96 6.50
N ILE B 48 -16.96 -8.37 7.67
CA ILE B 48 -16.84 -9.13 8.91
C ILE B 48 -18.16 -9.47 9.57
N ALA B 49 -18.98 -8.46 9.81
CA ALA B 49 -20.25 -8.67 10.47
C ALA B 49 -21.20 -7.51 10.28
N GLN B 50 -22.47 -7.75 10.61
CA GLN B 50 -23.51 -6.75 10.50
C GLN B 50 -24.43 -6.85 11.73
N ILE B 51 -25.02 -5.74 12.10
CA ILE B 51 -25.92 -5.74 13.23
C ILE B 51 -27.09 -4.79 13.00
N ASP B 52 -28.23 -5.11 13.60
CA ASP B 52 -29.42 -4.28 13.51
C ASP B 52 -29.49 -3.58 14.86
N PRO B 53 -28.99 -2.34 14.94
CA PRO B 53 -29.01 -1.59 16.20
C PRO B 53 -30.39 -1.50 16.83
N ALA B 54 -31.41 -1.93 16.07
CA ALA B 54 -32.77 -1.89 16.56
C ALA B 54 -33.08 -3.06 17.48
N ASN B 55 -32.59 -4.25 17.15
CA ASN B 55 -32.85 -5.41 17.97
C ASN B 55 -31.61 -6.20 18.35
N GLY B 56 -30.45 -5.67 18.00
CA GLY B 56 -29.21 -6.36 18.34
C GLY B 56 -28.95 -7.61 17.53
N ASN B 57 -29.81 -7.90 16.55
CA ASN B 57 -29.60 -9.07 15.72
C ASN B 57 -28.28 -8.91 14.98
N THR B 58 -27.49 -9.97 14.95
CA THR B 58 -26.19 -9.89 14.31
C THR B 58 -25.91 -11.00 13.31
N LYS B 59 -25.10 -10.67 12.30
CA LYS B 59 -24.69 -11.62 11.26
C LYS B 59 -23.17 -11.56 11.21
N TYR B 60 -22.51 -12.71 11.12
CA TYR B 60 -21.06 -12.77 11.07
C TYR B 60 -20.60 -13.63 9.91
N ASP B 61 -19.36 -13.44 9.52
CA ASP B 61 -18.79 -14.26 8.48
C ASP B 61 -18.11 -15.33 9.31
N PRO B 62 -18.45 -16.60 9.09
CA PRO B 62 -17.89 -17.75 9.81
C PRO B 62 -16.42 -17.64 10.24
N LYS B 63 -15.55 -17.19 9.35
CA LYS B 63 -14.14 -17.08 9.68
C LYS B 63 -13.82 -16.04 10.75
N PHE B 64 -14.78 -15.17 11.06
CA PHE B 64 -14.56 -14.16 12.07
C PHE B 64 -15.35 -14.51 13.32
N GLN B 65 -16.31 -15.41 13.16
CA GLN B 65 -17.12 -15.85 14.27
C GLN B 65 -16.18 -16.29 15.39
N GLY B 66 -16.49 -15.93 16.63
CA GLY B 66 -15.63 -16.30 17.74
C GLY B 66 -14.60 -15.24 18.07
N LYS B 67 -13.87 -14.79 17.05
CA LYS B 67 -12.84 -13.77 17.21
C LYS B 67 -13.40 -12.34 17.30
N ALA B 68 -14.47 -12.08 16.54
CA ALA B 68 -15.06 -10.76 16.53
C ALA B 68 -16.45 -10.70 17.13
N THR B 69 -16.75 -9.58 17.80
CA THR B 69 -18.05 -9.40 18.42
C THR B 69 -18.52 -8.00 18.07
N ILE B 70 -19.67 -7.92 17.41
CA ILE B 70 -20.23 -6.64 17.04
C ILE B 70 -21.36 -6.31 18.00
N THR B 71 -21.39 -5.05 18.44
CA THR B 71 -22.41 -4.58 19.36
C THR B 71 -22.73 -3.16 18.98
N ALA B 72 -23.79 -2.60 19.56
CA ALA B 72 -24.19 -1.25 19.24
C ALA B 72 -24.93 -0.63 20.41
N ASP B 73 -24.78 0.67 20.56
CA ASP B 73 -25.42 1.41 21.63
C ASP B 73 -26.17 2.57 20.96
N THR B 74 -27.43 2.31 20.62
CA THR B 74 -28.24 3.32 19.96
C THR B 74 -28.37 4.60 20.77
N SER B 75 -28.35 4.46 22.10
CA SER B 75 -28.45 5.63 22.99
C SER B 75 -27.35 6.63 22.67
N SER B 76 -26.13 6.13 22.47
CA SER B 76 -24.98 6.97 22.13
C SER B 76 -24.77 6.99 20.62
N ASN B 77 -25.68 6.31 19.90
CA ASN B 77 -25.62 6.21 18.44
C ASN B 77 -24.24 5.70 18.01
N THR B 78 -23.81 4.62 18.64
CA THR B 78 -22.49 4.07 18.35
C THR B 78 -22.47 2.56 18.18
N ALA B 79 -21.59 2.12 17.27
CA ALA B 79 -21.40 0.70 16.96
C ALA B 79 -19.96 0.31 17.29
N TYR B 80 -19.79 -0.85 17.90
CA TYR B 80 -18.46 -1.29 18.28
C TYR B 80 -18.10 -2.60 17.63
N LEU B 81 -16.80 -2.87 17.60
CA LEU B 81 -16.26 -4.10 17.07
C LEU B 81 -15.18 -4.52 18.07
N HIS B 82 -15.34 -5.71 18.65
CA HIS B 82 -14.37 -6.20 19.62
C HIS B 82 -13.60 -7.36 19.01
N LEU B 83 -12.28 -7.28 19.09
CA LEU B 83 -11.43 -8.34 18.56
C LEU B 83 -10.63 -8.92 19.71
N SER B 84 -10.62 -10.25 19.82
CA SER B 84 -9.93 -10.93 20.90
C SER B 84 -8.75 -11.77 20.43
N SER B 85 -7.93 -12.21 21.38
CA SER B 85 -6.75 -13.04 21.10
C SER B 85 -6.01 -12.60 19.83
N LEU B 86 -5.69 -11.33 19.76
CA LEU B 86 -5.00 -10.75 18.62
C LEU B 86 -3.71 -11.43 18.17
N THR B 87 -3.48 -11.39 16.86
CA THR B 87 -2.29 -11.96 16.22
C THR B 87 -1.94 -10.99 15.08
N SER B 88 -0.81 -11.20 14.41
CA SER B 88 -0.40 -10.28 13.35
C SER B 88 -1.36 -10.28 12.16
N GLU B 89 -2.09 -11.36 11.98
CA GLU B 89 -3.01 -11.45 10.87
C GLU B 89 -4.25 -10.58 11.09
N ASP B 90 -4.36 -10.02 12.29
CA ASP B 90 -5.47 -9.15 12.64
C ASP B 90 -5.06 -7.70 12.30
N SER B 91 -3.79 -7.50 12.00
CA SER B 91 -3.33 -6.18 11.66
C SER B 91 -3.96 -5.85 10.30
N ALA B 92 -4.61 -4.70 10.23
CA ALA B 92 -5.30 -4.27 9.02
C ALA B 92 -6.09 -3.01 9.34
N VAL B 93 -6.77 -2.45 8.35
CA VAL B 93 -7.58 -1.26 8.57
C VAL B 93 -9.02 -1.73 8.72
N TYR B 94 -9.75 -1.13 9.65
CA TYR B 94 -11.11 -1.54 9.89
C TYR B 94 -12.03 -0.40 9.60
N TYR B 95 -13.02 -0.68 8.76
CA TYR B 95 -13.98 0.32 8.36
C TYR B 95 -15.33 -0.06 8.92
N CYS B 96 -16.11 0.93 9.29
CA CYS B 96 -17.45 0.67 9.74
C CYS B 96 -18.28 1.30 8.63
N ALA B 97 -19.39 0.67 8.29
CA ALA B 97 -20.21 1.17 7.21
C ALA B 97 -21.68 1.09 7.55
N ALA B 98 -22.43 2.06 7.07
CA ALA B 98 -23.86 2.09 7.31
C ALA B 98 -24.55 1.83 5.98
N ASP B 99 -25.51 0.90 6.01
CA ASP B 99 -26.28 0.57 4.83
C ASP B 99 -27.28 1.72 4.79
N PRO B 100 -27.16 2.59 3.79
CA PRO B 100 -28.09 3.72 3.73
C PRO B 100 -29.51 3.41 3.39
N PRO B 101 -30.43 4.19 3.98
CA PRO B 101 -31.86 4.05 3.75
C PRO B 101 -32.13 4.66 2.37
N TYR B 102 -31.14 5.41 1.87
CA TYR B 102 -31.22 6.10 0.58
C TYR B 102 -29.82 6.24 -0.05
N TYR B 103 -29.42 5.23 -0.82
CA TYR B 103 -28.09 5.19 -1.47
C TYR B 103 -27.61 6.46 -2.17
N GLY B 104 -28.48 7.03 -2.99
CA GLY B 104 -28.15 8.21 -3.76
C GLY B 104 -27.19 9.22 -3.18
N HIS B 105 -27.56 9.82 -2.06
CA HIS B 105 -26.77 10.85 -1.41
C HIS B 105 -26.08 10.40 -0.10
N GLY B 106 -24.86 10.90 0.09
CA GLY B 106 -24.10 10.58 1.30
C GLY B 106 -23.01 9.53 1.25
N ASP B 107 -21.95 9.75 2.03
CA ASP B 107 -20.83 8.82 2.11
C ASP B 107 -20.99 8.08 3.45
N TYR B 108 -21.59 6.90 3.39
CA TYR B 108 -21.85 6.12 4.59
C TYR B 108 -20.73 5.19 5.09
N TRP B 109 -19.48 5.53 4.77
CA TRP B 109 -18.35 4.75 5.23
C TRP B 109 -17.55 5.58 6.22
N GLY B 110 -16.81 4.90 7.09
CA GLY B 110 -16.00 5.60 8.06
C GLY B 110 -14.62 5.77 7.49
N GLN B 111 -13.80 6.59 8.15
CA GLN B 111 -12.42 6.86 7.72
C GLN B 111 -11.54 5.63 7.86
N GLY B 112 -11.92 4.74 8.76
CA GLY B 112 -11.15 3.54 8.99
C GLY B 112 -10.27 3.72 10.21
N THR B 113 -9.89 2.61 10.82
CA THR B 113 -9.05 2.64 12.00
C THR B 113 -7.95 1.62 11.77
N THR B 114 -6.71 2.04 11.94
CA THR B 114 -5.59 1.13 11.75
C THR B 114 -5.34 0.36 13.01
N LEU B 115 -5.14 -0.95 12.88
CA LEU B 115 -4.86 -1.79 14.03
C LEU B 115 -3.57 -2.51 13.73
N THR B 116 -2.54 -2.25 14.54
CA THR B 116 -1.26 -2.90 14.36
C THR B 116 -0.96 -3.80 15.55
N VAL B 117 -0.66 -5.07 15.29
CA VAL B 117 -0.36 -6.01 16.36
C VAL B 117 1.11 -6.36 16.35
N SER B 118 1.81 -5.91 17.38
CA SER B 118 3.24 -6.15 17.49
C SER B 118 3.65 -6.23 18.96
N SER B 119 4.74 -6.94 19.22
CA SER B 119 5.24 -7.03 20.59
C SER B 119 6.49 -6.16 20.68
N ALA B 120 6.81 -5.51 19.56
CA ALA B 120 7.98 -4.64 19.47
C ALA B 120 7.83 -3.34 20.27
N LYS B 121 8.95 -2.81 20.73
CA LYS B 121 8.97 -1.56 21.50
C LYS B 121 9.43 -0.44 20.58
N THR B 122 9.10 0.80 20.94
CA THR B 122 9.51 1.95 20.15
C THR B 122 11.02 1.87 19.99
N THR B 123 11.48 1.89 18.74
CA THR B 123 12.91 1.79 18.47
C THR B 123 13.31 2.83 17.44
N PRO B 124 14.26 3.70 17.79
CA PRO B 124 14.69 4.73 16.82
C PRO B 124 15.38 4.07 15.63
N PRO B 125 15.26 4.69 14.46
CA PRO B 125 15.87 4.16 13.25
C PRO B 125 17.38 4.33 13.17
N SER B 126 18.05 3.34 12.59
CA SER B 126 19.49 3.38 12.40
C SER B 126 19.62 3.90 10.97
N VAL B 127 20.13 5.11 10.82
CA VAL B 127 20.28 5.71 9.50
C VAL B 127 21.68 5.54 8.92
N TYR B 128 21.75 4.92 7.75
CA TYR B 128 23.01 4.68 7.07
C TYR B 128 23.04 5.35 5.71
N PRO B 129 24.04 6.20 5.46
CA PRO B 129 24.17 6.91 4.18
C PRO B 129 24.59 5.98 3.04
N LEU B 130 24.04 6.19 1.86
CA LEU B 130 24.36 5.36 0.71
C LEU B 130 25.06 6.18 -0.36
N ALA B 131 26.36 5.95 -0.52
CA ALA B 131 27.15 6.67 -1.52
C ALA B 131 27.61 5.73 -2.64
N PRO B 132 27.70 6.26 -3.87
CA PRO B 132 28.12 5.48 -5.05
C PRO B 132 29.59 5.04 -5.03
N GLY B 133 29.81 3.74 -5.22
CA GLY B 133 31.16 3.20 -5.23
C GLY B 133 32.04 3.59 -6.41
N SER B 134 31.87 4.78 -6.90
CA SER B 134 32.69 5.19 -8.03
C SER B 134 32.37 4.29 -9.23
N ALA B 135 31.41 4.75 -10.01
CA ALA B 135 30.96 4.05 -11.21
C ALA B 135 29.90 4.87 -11.93
N ALA B 136 30.05 5.00 -13.25
CA ALA B 136 29.10 5.76 -14.05
C ALA B 136 27.75 5.06 -14.07
N GLN B 137 26.91 5.35 -13.07
CA GLN B 137 25.60 4.75 -12.97
C GLN B 137 24.69 5.16 -14.12
N THR B 138 24.78 6.44 -14.51
CA THR B 138 23.95 6.95 -15.60
C THR B 138 24.61 8.18 -16.22
N ASN B 139 25.17 8.00 -17.43
CA ASN B 139 25.82 9.06 -18.17
C ASN B 139 26.56 9.99 -17.23
N SER B 140 25.94 11.14 -16.96
CA SER B 140 26.54 12.15 -16.09
C SER B 140 25.90 12.11 -14.70
N MET B 141 24.64 12.43 -14.69
CA MET B 141 23.87 12.52 -13.46
C MET B 141 24.13 11.39 -12.49
N VAL B 142 23.82 11.62 -11.22
CA VAL B 142 24.04 10.63 -10.18
C VAL B 142 22.84 10.37 -9.26
N THR B 143 22.92 9.28 -8.49
CA THR B 143 21.86 8.88 -7.57
C THR B 143 22.42 8.54 -6.20
N LEU B 144 21.83 9.13 -5.16
CA LEU B 144 22.27 8.86 -3.79
C LEU B 144 21.13 8.18 -3.05
N GLY B 145 21.43 7.65 -1.87
CA GLY B 145 20.41 6.97 -1.10
C GLY B 145 20.68 7.00 0.38
N CYS B 146 19.66 6.66 1.16
CA CYS B 146 19.76 6.62 2.61
C CYS B 146 19.00 5.39 3.07
N LEU B 147 19.60 4.63 3.99
CA LEU B 147 18.96 3.44 4.50
C LEU B 147 18.49 3.64 5.93
N VAL B 148 17.19 3.51 6.15
CA VAL B 148 16.57 3.67 7.47
C VAL B 148 16.21 2.29 7.99
N LYS B 149 17.06 1.74 8.84
CA LYS B 149 16.82 0.38 9.35
C LYS B 149 16.39 0.23 10.80
N GLY B 150 15.74 -0.91 11.06
CA GLY B 150 15.28 -1.26 12.39
C GLY B 150 14.59 -0.22 13.25
N TYR B 151 13.44 0.29 12.80
CA TYR B 151 12.70 1.27 13.59
C TYR B 151 11.29 0.77 13.87
N PHE B 152 10.63 1.41 14.83
CA PHE B 152 9.28 1.03 15.20
C PHE B 152 8.68 2.04 16.19
N PRO B 153 7.41 2.41 15.99
CA PRO B 153 6.54 1.94 14.91
C PRO B 153 6.61 2.89 13.73
N GLU B 154 5.81 2.62 12.70
CA GLU B 154 5.79 3.50 11.54
C GLU B 154 5.09 4.75 12.06
N PRO B 155 5.29 5.90 11.41
CA PRO B 155 6.11 6.15 10.23
C PRO B 155 7.38 6.97 10.54
N VAL B 156 8.10 7.35 9.50
CA VAL B 156 9.31 8.17 9.60
C VAL B 156 9.25 9.16 8.44
N THR B 157 9.93 10.28 8.61
CA THR B 157 9.94 11.30 7.56
C THR B 157 11.36 11.44 7.01
N VAL B 158 11.48 11.26 5.70
CA VAL B 158 12.77 11.35 5.03
C VAL B 158 12.80 12.52 4.05
N THR B 159 13.55 13.55 4.44
CA THR B 159 13.70 14.75 3.64
C THR B 159 15.16 14.87 3.22
N TRP B 160 15.40 15.55 2.10
CA TRP B 160 16.75 15.73 1.62
C TRP B 160 17.12 17.22 1.70
N ASN B 161 18.17 17.51 2.46
CA ASN B 161 18.64 18.88 2.66
C ASN B 161 17.55 19.65 3.38
N SER B 162 16.88 18.96 4.30
CA SER B 162 15.80 19.53 5.10
C SER B 162 14.56 19.89 4.30
N GLY B 163 14.65 19.80 2.97
CA GLY B 163 13.50 20.12 2.15
C GLY B 163 13.90 20.72 0.81
N SER B 164 15.05 21.39 0.80
CA SER B 164 15.57 22.00 -0.41
C SER B 164 15.68 21.00 -1.54
N LEU B 165 15.65 19.71 -1.19
CA LEU B 165 15.74 18.69 -2.21
C LEU B 165 14.51 17.80 -2.16
N SER B 166 13.54 18.11 -3.02
CA SER B 166 12.30 17.36 -3.09
C SER B 166 12.01 16.99 -4.54
N SER B 167 13.07 16.96 -5.34
CA SER B 167 12.96 16.62 -6.75
C SER B 167 13.74 15.34 -7.02
N GLY B 168 13.15 14.44 -7.80
CA GLY B 168 13.82 13.18 -8.09
C GLY B 168 14.01 12.32 -6.87
N VAL B 169 13.11 12.46 -5.90
CA VAL B 169 13.19 11.69 -4.69
C VAL B 169 12.24 10.50 -4.74
N HIS B 170 12.71 9.37 -4.24
CA HIS B 170 11.91 8.15 -4.21
C HIS B 170 12.07 7.49 -2.85
N THR B 171 11.03 7.59 -2.03
CA THR B 171 11.09 6.95 -0.72
C THR B 171 10.23 5.70 -0.84
N PHE B 172 10.85 4.54 -0.62
CA PHE B 172 10.14 3.28 -0.73
C PHE B 172 9.37 2.88 0.52
N PRO B 173 8.19 2.28 0.32
CA PRO B 173 7.35 1.84 1.44
C PRO B 173 8.12 0.94 2.41
N ALA B 174 7.88 1.14 3.70
CA ALA B 174 8.55 0.36 4.72
C ALA B 174 8.20 -1.10 4.57
N VAL B 175 9.10 -1.97 5.03
CA VAL B 175 8.88 -3.41 4.97
C VAL B 175 9.40 -4.02 6.26
N LEU B 176 8.64 -4.96 6.81
CA LEU B 176 8.99 -5.63 8.06
C LEU B 176 10.14 -6.61 7.95
N GLN B 177 11.11 -6.46 8.83
CA GLN B 177 12.28 -7.32 8.84
C GLN B 177 12.67 -7.59 10.30
N SER B 178 12.18 -8.72 10.82
CA SER B 178 12.46 -9.14 12.19
C SER B 178 11.72 -8.29 13.21
N ASP B 179 10.46 -7.96 12.90
CA ASP B 179 9.61 -7.16 13.78
C ASP B 179 9.86 -5.66 13.76
N LEU B 180 10.87 -5.22 13.02
CA LEU B 180 11.17 -3.80 12.92
C LEU B 180 11.05 -3.39 11.46
N TYR B 181 10.88 -2.09 11.22
CA TYR B 181 10.74 -1.60 9.87
C TYR B 181 12.05 -1.17 9.27
N THR B 182 12.13 -1.26 7.96
CA THR B 182 13.31 -0.82 7.23
C THR B 182 12.77 -0.13 5.99
N LEU B 183 13.41 0.96 5.61
CA LEU B 183 12.97 1.70 4.45
C LEU B 183 14.18 2.37 3.80
N SER B 184 14.05 2.79 2.55
CA SER B 184 15.15 3.44 1.88
C SER B 184 14.61 4.54 0.98
N SER B 185 15.38 5.62 0.87
CA SER B 185 14.99 6.74 0.05
C SER B 185 16.14 7.07 -0.87
N SER B 186 15.85 7.20 -2.16
CA SER B 186 16.88 7.54 -3.13
C SER B 186 16.67 8.98 -3.58
N VAL B 187 17.73 9.61 -4.06
CA VAL B 187 17.65 10.98 -4.55
C VAL B 187 18.53 11.16 -5.78
N THR B 188 17.93 11.71 -6.82
CA THR B 188 18.64 11.93 -8.08
C THR B 188 18.95 13.41 -8.28
N VAL B 189 20.21 13.70 -8.61
CA VAL B 189 20.65 15.06 -8.84
C VAL B 189 21.70 15.13 -9.96
N PRO B 190 21.62 16.17 -10.80
CA PRO B 190 22.56 16.36 -11.91
C PRO B 190 24.02 16.22 -11.48
N SER B 191 24.79 15.46 -12.25
CA SER B 191 26.19 15.22 -11.96
C SER B 191 26.98 16.48 -11.62
N SER B 192 26.47 17.64 -12.03
CA SER B 192 27.14 18.91 -11.80
C SER B 192 27.13 19.44 -10.36
N THR B 193 26.16 19.05 -9.56
CA THR B 193 26.05 19.55 -8.19
C THR B 193 26.68 18.70 -7.09
N TRP B 194 27.10 17.49 -7.44
CA TRP B 194 27.72 16.59 -6.47
C TRP B 194 29.00 15.99 -7.05
N PRO B 195 30.03 15.78 -6.22
CA PRO B 195 30.06 16.06 -4.78
C PRO B 195 30.24 17.55 -4.47
N SER B 196 30.02 18.38 -5.48
CA SER B 196 30.13 19.82 -5.35
C SER B 196 29.50 20.27 -4.03
N GLU B 197 28.18 20.40 -4.04
CA GLU B 197 27.45 20.81 -2.85
C GLU B 197 27.13 19.60 -1.99
N THR B 198 27.10 19.80 -0.67
CA THR B 198 26.82 18.71 0.27
C THR B 198 25.34 18.33 0.29
N VAL B 199 25.09 17.03 0.42
CA VAL B 199 23.73 16.49 0.46
C VAL B 199 23.49 15.68 1.73
N THR B 200 22.48 16.05 2.49
CA THR B 200 22.16 15.35 3.72
C THR B 200 20.73 14.84 3.69
N CYS B 201 20.48 13.71 4.33
CA CYS B 201 19.14 13.15 4.39
C CYS B 201 18.66 13.26 5.84
N ASN B 202 17.48 13.82 6.04
CA ASN B 202 16.92 13.99 7.38
C ASN B 202 15.78 13.05 7.69
N VAL B 203 15.99 12.16 8.66
CA VAL B 203 14.98 11.20 9.07
C VAL B 203 14.42 11.64 10.41
N ALA B 204 13.12 11.46 10.59
CA ALA B 204 12.47 11.81 11.84
C ALA B 204 11.50 10.70 12.25
N HIS B 205 11.66 10.23 13.49
CA HIS B 205 10.80 9.17 14.00
C HIS B 205 10.00 9.69 15.18
N PRO B 206 8.83 10.29 14.90
CA PRO B 206 7.94 10.85 15.92
C PRO B 206 7.82 10.00 17.18
N ALA B 207 7.42 8.74 17.00
CA ALA B 207 7.26 7.82 18.13
C ALA B 207 8.46 7.86 19.10
N SER B 208 9.67 8.02 18.56
CA SER B 208 10.86 8.06 19.39
C SER B 208 11.40 9.49 19.55
N SER B 209 10.69 10.45 18.96
CA SER B 209 11.09 11.86 19.03
C SER B 209 12.54 12.08 18.64
N THR B 210 13.03 11.25 17.72
CA THR B 210 14.40 11.37 17.25
C THR B 210 14.41 11.88 15.82
N LYS B 211 15.43 12.68 15.50
CA LYS B 211 15.59 13.20 14.17
C LYS B 211 17.08 13.13 13.91
N VAL B 212 17.45 12.39 12.86
CA VAL B 212 18.84 12.22 12.51
C VAL B 212 19.15 12.91 11.19
N ASP B 213 20.42 13.23 10.99
CA ASP B 213 20.87 13.87 9.77
C ASP B 213 22.12 13.11 9.36
N LYS B 214 22.20 12.74 8.10
CA LYS B 214 23.34 12.00 7.62
C LYS B 214 23.82 12.59 6.31
N LYS B 215 25.09 12.97 6.30
CA LYS B 215 25.72 13.54 5.11
C LYS B 215 26.31 12.38 4.32
N ILE B 216 26.36 12.52 2.99
CA ILE B 216 26.92 11.48 2.15
C ILE B 216 28.26 11.93 1.57
N VAL B 217 29.26 11.05 1.62
CA VAL B 217 30.60 11.39 1.12
C VAL B 217 31.09 10.55 -0.07
#